data_5BRA
#
_entry.id   5BRA
#
_cell.length_a   81.204
_cell.length_b   81.204
_cell.length_c   103.629
_cell.angle_alpha   90.000
_cell.angle_beta   90.000
_cell.angle_gamma   90.000
#
_symmetry.space_group_name_H-M   'P 41 21 2'
#
loop_
_entity.id
_entity.type
_entity.pdbx_description
1 polymer 'Putative periplasmic binding protein with substrate ribose'
2 water water
#
_entity_poly.entity_id   1
_entity_poly.type   'polypeptide(L)'
_entity_poly.pdbx_seq_one_letter_code
;(MSE)HHHHHHSSGVDLGTENLYFQS(MSE)EGVVDTSKINKELITTANDKKYTIATVVKVDGIAWFDR(MSE)RDGVDQ
FKADTGNDVW(MSE)VGPSQADAAAQVQIVENLIAQGVDAIAIVPFSVEAVEPVLKKARERGIVVISHEASNIQNVDYDI
EAFDNKAYGANL(MSE)KELGKS(MSE)GGKGKYVTTVGSLTSKSQ(MSE)EWIDGAVEYQKANFPE(MSE)SEATGRLE
TYDDANTDYNKLKEA(MSE)TAYPDITGILGAP(MSE)PTSAGAGRLIAEGGLKGKVFFAGTGLVSVAGEYIKNDDVQYI
QFWDPAVAGYA(MSE)N(MSE)LAVAALEKKNDQIKAGLNLGLPGYESLLAPDAAKPNLLYGAGWVGVTKEN(MSE)DKY
DF
;
_entity_poly.pdbx_strand_id   A
#
# COMPACT_ATOMS: atom_id res chain seq x y z
N THR A 29 9.84 1.79 -17.04
CA THR A 29 9.11 0.67 -16.44
C THR A 29 7.69 1.04 -16.09
N SER A 30 7.47 2.34 -15.96
CA SER A 30 6.14 2.87 -15.91
C SER A 30 5.77 3.28 -17.34
N LYS A 31 4.64 2.78 -17.83
CA LYS A 31 4.18 3.08 -19.20
C LYS A 31 3.53 4.45 -19.33
N ILE A 32 4.24 5.35 -20.01
CA ILE A 32 3.95 6.78 -19.97
C ILE A 32 3.24 7.34 -21.20
N ASN A 33 2.81 6.44 -22.08
CA ASN A 33 2.21 6.77 -23.37
C ASN A 33 1.17 7.89 -23.36
N LYS A 34 -0.05 7.60 -22.93
CA LYS A 34 -0.94 8.68 -22.57
C LYS A 34 -0.28 9.34 -21.37
N GLU A 35 -0.43 10.65 -21.23
CA GLU A 35 0.15 11.35 -20.09
C GLU A 35 -0.43 12.74 -20.14
N LEU A 36 0.00 13.63 -19.26
CA LEU A 36 -0.58 14.97 -19.27
C LEU A 36 0.40 16.14 -19.42
N ILE A 37 0.06 17.23 -18.74
CA ILE A 37 0.99 18.33 -18.61
C ILE A 37 1.20 18.54 -17.10
N THR A 38 2.37 18.07 -16.70
CA THR A 38 2.96 18.27 -15.40
C THR A 38 4.15 19.14 -15.68
N THR A 39 3.91 20.30 -16.28
CA THR A 39 4.99 20.98 -16.98
C THR A 39 5.32 22.35 -16.47
N ALA A 40 6.56 22.78 -16.75
CA ALA A 40 6.90 24.20 -16.82
C ALA A 40 6.82 24.87 -15.43
N ASN A 41 7.12 26.17 -15.26
CA ASN A 41 7.58 27.14 -16.26
C ASN A 41 8.59 28.12 -15.70
N ASP A 42 9.85 28.11 -16.16
CA ASP A 42 10.48 26.99 -16.85
C ASP A 42 11.16 26.01 -15.85
N LYS A 43 10.64 26.00 -14.61
CA LYS A 43 11.30 25.47 -13.41
C LYS A 43 11.25 23.96 -13.17
N LYS A 44 12.30 23.44 -12.51
CA LYS A 44 12.29 22.11 -11.88
C LYS A 44 12.16 22.19 -10.33
N TYR A 45 11.41 21.24 -9.75
CA TYR A 45 11.10 21.21 -8.30
C TYR A 45 11.79 20.05 -7.57
N THR A 46 12.01 20.21 -6.26
CA THR A 46 12.66 19.19 -5.42
C THR A 46 11.65 18.42 -4.57
N ILE A 47 11.43 17.15 -4.91
CA ILE A 47 10.34 16.36 -4.32
C ILE A 47 10.75 15.00 -3.78
N ALA A 48 10.64 14.85 -2.48
CA ALA A 48 11.08 13.63 -1.83
C ALA A 48 9.93 12.66 -1.62
N THR A 49 10.20 11.39 -1.86
CA THR A 49 9.23 10.37 -1.59
C THR A 49 9.61 9.60 -0.34
N VAL A 50 8.76 9.73 0.67
CA VAL A 50 8.98 9.13 1.99
C VAL A 50 8.14 7.90 2.16
N VAL A 51 8.78 6.76 2.32
CA VAL A 51 8.07 5.48 2.32
C VAL A 51 8.19 4.71 3.63
N LYS A 52 7.34 3.70 3.80
CA LYS A 52 7.29 2.90 5.04
C LYS A 52 8.64 2.36 5.49
N VAL A 53 9.39 1.83 4.54
CA VAL A 53 10.67 1.16 4.80
C VAL A 53 11.47 1.00 3.51
N ASP A 54 12.76 1.31 3.56
CA ASP A 54 13.60 1.13 2.40
C ASP A 54 14.36 -0.18 2.51
N GLY A 55 14.04 -1.16 1.67
CA GLY A 55 14.59 -2.48 1.87
C GLY A 55 13.87 -3.63 1.19
N ILE A 56 12.59 -3.45 0.87
CA ILE A 56 11.81 -4.58 0.38
C ILE A 56 11.18 -4.34 -0.97
N ALA A 57 10.84 -5.46 -1.62
CA ALA A 57 10.40 -5.49 -3.01
C ALA A 57 9.46 -4.37 -3.37
N TRP A 58 8.46 -4.14 -2.53
CA TRP A 58 7.43 -3.14 -2.82
C TRP A 58 8.04 -1.79 -3.14
N PHE A 59 8.92 -1.33 -2.28
CA PHE A 59 9.39 0.03 -2.44
C PHE A 59 10.61 0.08 -3.30
N ASP A 60 11.25 -1.06 -3.51
CA ASP A 60 12.26 -1.09 -4.54
C ASP A 60 11.53 -0.77 -5.84
N ARG A 61 10.42 -1.47 -6.05
CA ARG A 61 9.59 -1.31 -7.24
C ARG A 61 9.06 0.09 -7.40
N MSE A 62 8.71 0.73 -6.28
CA MSE A 62 8.33 2.14 -6.29
C MSE A 62 9.52 2.98 -6.71
O MSE A 62 9.36 3.97 -7.42
CB MSE A 62 7.79 2.61 -4.92
CG MSE A 62 7.32 4.07 -4.89
SE MSE A 62 6.28 4.71 -3.31
CE MSE A 62 4.61 3.73 -3.61
N ARG A 63 10.72 2.60 -6.29
CA ARG A 63 11.90 3.41 -6.56
C ARG A 63 12.15 3.52 -8.06
N ASP A 64 11.93 2.44 -8.80
CA ASP A 64 12.06 2.49 -10.25
C ASP A 64 11.13 3.56 -10.76
N GLY A 65 9.91 3.59 -10.25
CA GLY A 65 8.95 4.63 -10.57
C GLY A 65 9.43 6.05 -10.34
N VAL A 66 9.81 6.37 -9.11
CA VAL A 66 10.29 7.72 -8.77
C VAL A 66 11.49 8.15 -9.61
N ASP A 67 12.37 7.20 -9.87
CA ASP A 67 13.57 7.51 -10.64
C ASP A 67 13.22 7.80 -12.10
N GLN A 68 12.43 6.93 -12.74
CA GLN A 68 11.94 7.21 -14.10
C GLN A 68 11.29 8.57 -14.20
N PHE A 69 10.59 8.99 -13.16
CA PHE A 69 9.97 10.29 -13.14
C PHE A 69 11.05 11.35 -13.25
N LYS A 70 12.20 11.10 -12.62
CA LYS A 70 13.33 12.05 -12.64
C LYS A 70 13.94 12.13 -14.03
N ALA A 71 14.12 10.98 -14.67
CA ALA A 71 14.49 10.93 -16.08
C ALA A 71 13.57 11.80 -16.95
N ASP A 72 12.27 11.58 -16.86
CA ASP A 72 11.32 12.20 -17.76
C ASP A 72 10.99 13.65 -17.43
N THR A 73 11.53 14.17 -16.34
CA THR A 73 11.16 15.52 -15.88
C THR A 73 12.34 16.37 -15.45
N GLY A 74 13.40 15.74 -14.95
CA GLY A 74 14.57 16.47 -14.49
C GLY A 74 14.33 17.22 -13.19
N ASN A 75 13.29 16.79 -12.47
CA ASN A 75 13.04 17.32 -11.14
C ASN A 75 13.91 16.62 -10.10
N ASP A 76 14.24 17.33 -9.03
CA ASP A 76 15.07 16.72 -7.98
C ASP A 76 14.23 15.83 -7.07
N VAL A 77 14.04 14.60 -7.53
CA VAL A 77 13.26 13.64 -6.78
C VAL A 77 14.13 12.49 -6.34
N TRP A 78 13.74 11.86 -5.24
CA TRP A 78 14.37 10.64 -4.74
C TRP A 78 13.51 10.00 -3.68
N MSE A 79 13.85 8.75 -3.33
CA MSE A 79 13.07 8.02 -2.35
C MSE A 79 13.90 7.77 -1.12
O MSE A 79 15.06 7.42 -1.23
CB MSE A 79 12.59 6.70 -2.92
CG MSE A 79 11.20 6.29 -2.47
SE MSE A 79 10.86 4.44 -2.93
CE MSE A 79 12.33 3.62 -1.98
N VAL A 80 13.26 7.91 0.05
CA VAL A 80 13.93 7.67 1.33
C VAL A 80 12.99 7.04 2.34
N GLY A 81 13.54 6.16 3.18
CA GLY A 81 12.76 5.48 4.18
C GLY A 81 13.62 4.89 5.28
N PRO A 82 13.00 4.45 6.38
CA PRO A 82 13.64 3.76 7.49
C PRO A 82 14.32 2.47 7.08
N SER A 83 15.43 2.17 7.74
CA SER A 83 16.17 0.94 7.53
C SER A 83 15.26 -0.23 7.89
N GLN A 84 14.55 -0.07 9.00
CA GLN A 84 13.51 -0.99 9.43
C GLN A 84 12.26 -0.17 9.76
N ALA A 85 11.09 -0.74 9.48
CA ALA A 85 9.81 -0.02 9.61
C ALA A 85 9.52 0.50 11.01
N ASP A 86 9.44 1.81 11.14
CA ASP A 86 9.25 2.42 12.45
C ASP A 86 8.47 3.72 12.35
N ALA A 87 7.47 3.87 13.21
CA ALA A 87 6.74 5.12 13.27
C ALA A 87 7.70 6.32 13.41
N ALA A 88 8.60 6.28 14.39
CA ALA A 88 9.47 7.44 14.66
C ALA A 88 10.51 7.73 13.58
N ALA A 89 10.89 6.71 12.81
CA ALA A 89 11.91 6.92 11.80
C ALA A 89 11.35 7.75 10.64
N GLN A 90 10.13 7.44 10.22
CA GLN A 90 9.45 8.27 9.21
C GLN A 90 9.28 9.72 9.66
N VAL A 91 8.94 9.90 10.92
CA VAL A 91 8.77 11.22 11.47
C VAL A 91 10.07 11.99 11.36
N GLN A 92 11.15 11.33 11.75
CA GLN A 92 12.46 11.94 11.68
C GLN A 92 12.77 12.36 10.25
N ILE A 93 12.62 11.43 9.31
CA ILE A 93 12.86 11.68 7.91
C ILE A 93 12.18 12.95 7.40
N VAL A 94 10.91 13.12 7.75
CA VAL A 94 10.18 14.28 7.29
C VAL A 94 10.76 15.54 7.91
N GLU A 95 11.27 15.40 9.13
CA GLU A 95 11.90 16.52 9.78
C GLU A 95 13.09 16.98 8.97
N ASN A 96 13.98 16.04 8.63
CA ASN A 96 15.12 16.31 7.75
C ASN A 96 14.64 17.10 6.57
N LEU A 97 13.59 16.60 5.93
CA LEU A 97 13.08 17.24 4.73
C LEU A 97 12.58 18.63 5.02
N ILE A 98 12.02 18.83 6.20
CA ILE A 98 11.65 20.18 6.59
C ILE A 98 12.88 21.08 6.59
N ALA A 99 13.96 20.58 7.18
CA ALA A 99 15.19 21.35 7.35
C ALA A 99 15.81 21.76 6.03
N GLN A 100 15.52 21.00 4.96
CA GLN A 100 16.14 21.23 3.65
C GLN A 100 15.37 22.21 2.80
N GLY A 101 14.17 22.57 3.24
CA GLY A 101 13.33 23.44 2.44
C GLY A 101 13.07 22.83 1.08
N VAL A 102 12.83 21.53 1.09
CA VAL A 102 12.32 20.82 -0.07
C VAL A 102 11.02 21.47 -0.59
N ASP A 103 10.65 21.20 -1.84
CA ASP A 103 9.43 21.78 -2.40
C ASP A 103 8.18 20.97 -2.04
N ALA A 104 8.27 19.65 -2.20
CA ALA A 104 7.13 18.79 -1.88
C ALA A 104 7.53 17.59 -1.05
N ILE A 105 6.53 16.98 -0.44
CA ILE A 105 6.71 15.69 0.22
C ILE A 105 5.66 14.71 -0.28
N ALA A 106 6.11 13.52 -0.63
CA ALA A 106 5.22 12.46 -1.06
C ALA A 106 5.37 11.28 -0.12
N ILE A 107 4.34 11.00 0.65
CA ILE A 107 4.54 10.05 1.71
C ILE A 107 3.50 8.93 1.70
N VAL A 108 3.99 7.72 1.94
CA VAL A 108 3.20 6.52 2.11
C VAL A 108 3.33 6.10 3.55
N PRO A 109 2.46 6.64 4.40
CA PRO A 109 2.64 6.62 5.85
C PRO A 109 2.55 5.23 6.45
N PHE A 110 3.48 4.92 7.35
CA PHE A 110 3.43 3.67 8.10
C PHE A 110 2.40 3.71 9.20
N SER A 111 2.36 4.85 9.88
CA SER A 111 1.37 5.15 10.89
C SER A 111 0.90 6.57 10.68
N VAL A 112 -0.34 6.72 10.27
CA VAL A 112 -0.89 8.04 9.98
C VAL A 112 -0.95 8.99 11.20
N GLU A 113 -1.41 8.48 12.33
CA GLU A 113 -1.45 9.27 13.56
C GLU A 113 -0.08 9.83 13.86
N ALA A 114 0.96 9.05 13.59
CA ALA A 114 2.31 9.43 13.96
C ALA A 114 2.86 10.60 13.16
N VAL A 115 2.38 10.80 11.92
CA VAL A 115 3.04 11.81 11.12
C VAL A 115 2.20 13.05 10.90
N GLU A 116 0.93 13.02 11.29
CA GLU A 116 0.07 14.19 11.06
C GLU A 116 0.63 15.51 11.64
N PRO A 117 1.27 15.48 12.82
CA PRO A 117 1.97 16.68 13.34
C PRO A 117 3.08 17.26 12.43
N VAL A 118 4.10 16.47 12.18
CA VAL A 118 5.22 16.95 11.39
C VAL A 118 4.75 17.38 9.98
N LEU A 119 3.65 16.80 9.54
CA LEU A 119 3.07 17.24 8.28
C LEU A 119 2.34 18.57 8.44
N LYS A 120 1.66 18.76 9.57
CA LYS A 120 1.02 20.04 9.85
C LYS A 120 2.10 21.13 9.84
N LYS A 121 3.14 20.91 10.63
CA LYS A 121 4.34 21.73 10.61
C LYS A 121 4.81 22.03 9.16
N ALA A 122 4.91 20.99 8.35
CA ALA A 122 5.40 21.13 6.97
C ALA A 122 4.52 22.07 6.16
N ARG A 123 3.21 21.89 6.25
CA ARG A 123 2.31 22.69 5.47
C ARG A 123 2.48 24.17 5.80
N GLU A 124 2.70 24.45 7.09
CA GLU A 124 2.95 25.79 7.57
C GLU A 124 4.12 26.43 6.84
N ARG A 125 5.15 25.64 6.57
CA ARG A 125 6.27 26.14 5.79
C ARG A 125 5.98 26.14 4.29
N GLY A 126 4.71 26.23 3.93
CA GLY A 126 4.30 26.25 2.54
C GLY A 126 4.78 25.06 1.73
N ILE A 127 5.05 23.95 2.41
CA ILE A 127 5.43 22.72 1.74
C ILE A 127 4.18 21.98 1.27
N VAL A 128 4.24 21.42 0.05
CA VAL A 128 3.16 20.61 -0.48
C VAL A 128 3.29 19.17 -0.02
N VAL A 129 2.18 18.59 0.39
CA VAL A 129 2.17 17.23 0.88
C VAL A 129 1.23 16.34 0.11
N ILE A 130 1.78 15.26 -0.45
CA ILE A 130 0.97 14.23 -1.09
C ILE A 130 1.06 12.91 -0.33
N SER A 131 -0.09 12.36 0.00
CA SER A 131 -0.18 11.11 0.75
C SER A 131 -0.53 9.95 -0.16
N HIS A 132 -0.34 8.74 0.33
CA HIS A 132 -0.79 7.55 -0.37
C HIS A 132 -1.00 6.45 0.65
N GLU A 133 -1.95 5.55 0.42
CA GLU A 133 -2.28 4.51 1.40
C GLU A 133 -2.66 5.11 2.76
N ALA A 134 -3.20 6.33 2.76
CA ALA A 134 -3.57 6.99 4.01
C ALA A 134 -4.86 7.81 3.88
N SER A 135 -5.99 7.17 3.66
CA SER A 135 -7.17 7.89 3.16
C SER A 135 -7.84 8.83 4.17
N ASN A 136 -7.54 8.66 5.45
CA ASN A 136 -8.22 9.45 6.47
C ASN A 136 -7.39 10.62 6.93
N ILE A 137 -6.19 10.70 6.35
CA ILE A 137 -5.28 11.84 6.51
C ILE A 137 -6.01 13.18 6.37
N GLN A 138 -5.58 14.18 7.13
CA GLN A 138 -6.20 15.50 7.01
C GLN A 138 -5.24 16.52 6.45
N ASN A 139 -4.04 16.56 7.04
CA ASN A 139 -3.03 17.53 6.62
C ASN A 139 -2.22 17.08 5.42
N VAL A 140 -2.87 16.96 4.28
CA VAL A 140 -2.18 16.84 3.02
C VAL A 140 -2.74 17.87 2.07
N ASP A 141 -2.04 18.14 0.98
CA ASP A 141 -2.61 19.01 -0.01
C ASP A 141 -3.58 18.14 -0.83
N TYR A 142 -3.20 16.87 -1.04
CA TYR A 142 -4.07 15.83 -1.60
C TYR A 142 -3.61 14.45 -1.13
N ASP A 143 -4.48 13.44 -1.18
CA ASP A 143 -4.06 12.05 -0.98
C ASP A 143 -4.62 11.16 -2.07
N ILE A 144 -3.83 10.23 -2.59
CA ILE A 144 -4.37 9.37 -3.63
C ILE A 144 -4.34 7.89 -3.25
N GLU A 145 -5.43 7.19 -3.56
CA GLU A 145 -5.59 5.77 -3.33
C GLU A 145 -5.67 5.02 -4.65
N ALA A 146 -4.96 3.91 -4.79
CA ALA A 146 -4.97 3.15 -6.05
C ALA A 146 -6.35 2.61 -6.42
N PHE A 147 -7.23 2.52 -5.43
CA PHE A 147 -8.49 1.81 -5.58
C PHE A 147 -9.37 1.92 -4.36
N ASP A 148 -10.51 1.26 -4.43
CA ASP A 148 -11.41 1.20 -3.30
C ASP A 148 -10.93 0.13 -2.33
N ASN A 149 -10.45 0.55 -1.17
CA ASN A 149 -9.89 -0.38 -0.21
C ASN A 149 -10.86 -1.37 0.42
N LYS A 150 -12.08 -0.91 0.72
CA LYS A 150 -13.14 -1.81 1.18
C LYS A 150 -13.26 -2.98 0.21
N ALA A 151 -13.36 -2.65 -1.07
CA ALA A 151 -13.54 -3.63 -2.15
C ALA A 151 -12.38 -4.60 -2.26
N TYR A 152 -11.19 -4.02 -2.15
CA TYR A 152 -9.95 -4.75 -2.22
C TYR A 152 -9.89 -5.94 -1.28
N GLY A 153 -9.96 -5.66 0.02
CA GLY A 153 -9.93 -6.70 1.02
C GLY A 153 -11.04 -7.72 0.84
N ALA A 154 -12.22 -7.25 0.45
CA ALA A 154 -13.31 -8.16 0.16
C ALA A 154 -12.90 -9.18 -0.89
N ASN A 155 -12.16 -8.74 -1.89
CA ASN A 155 -11.75 -9.65 -2.93
C ASN A 155 -10.75 -10.66 -2.39
N LEU A 156 -10.11 -10.32 -1.27
CA LEU A 156 -9.20 -11.25 -0.60
C LEU A 156 -10.00 -12.25 0.21
N MSE A 157 -11.11 -11.80 0.75
CA MSE A 157 -11.98 -12.69 1.51
C MSE A 157 -12.72 -13.64 0.58
O MSE A 157 -12.80 -14.84 0.84
CB MSE A 157 -12.95 -11.89 2.37
CG MSE A 157 -13.75 -12.73 3.39
SE MSE A 157 -12.64 -13.68 4.69
CE MSE A 157 -12.53 -15.37 3.79
N LYS A 158 -13.26 -13.11 -0.52
CA LYS A 158 -13.92 -13.94 -1.53
C LYS A 158 -13.05 -15.13 -1.90
N GLU A 159 -11.74 -14.92 -2.03
CA GLU A 159 -10.83 -16.00 -2.41
C GLU A 159 -10.56 -16.95 -1.25
N LEU A 160 -10.00 -16.41 -0.17
CA LEU A 160 -9.68 -17.21 1.02
C LEU A 160 -10.84 -18.08 1.44
N GLY A 161 -12.04 -17.49 1.38
CA GLY A 161 -13.29 -18.16 1.68
C GLY A 161 -13.50 -19.42 0.88
N LYS A 162 -13.18 -19.38 -0.40
CA LYS A 162 -13.33 -20.55 -1.23
C LYS A 162 -12.38 -21.63 -0.76
N SER A 163 -11.10 -21.27 -0.67
CA SER A 163 -10.07 -22.20 -0.25
C SER A 163 -10.48 -22.98 1.00
N MSE A 164 -11.08 -22.30 1.96
CA MSE A 164 -11.38 -22.92 3.25
C MSE A 164 -12.71 -23.62 3.27
O MSE A 164 -13.04 -24.30 4.23
CB MSE A 164 -11.37 -21.89 4.36
CG MSE A 164 -10.07 -21.21 4.58
SE MSE A 164 -10.37 -19.73 5.80
CE MSE A 164 -11.50 -20.58 7.08
N GLY A 165 -13.49 -23.41 2.21
CA GLY A 165 -14.84 -23.93 2.17
C GLY A 165 -15.77 -23.11 3.06
N GLY A 166 -15.38 -21.89 3.37
CA GLY A 166 -16.26 -20.98 4.09
C GLY A 166 -16.67 -21.43 5.47
N LYS A 167 -15.82 -22.22 6.11
CA LYS A 167 -16.17 -22.88 7.36
C LYS A 167 -15.16 -22.75 8.51
N GLY A 168 -13.88 -22.59 8.19
CA GLY A 168 -12.88 -22.75 9.22
C GLY A 168 -12.67 -21.56 10.15
N LYS A 169 -11.48 -21.49 10.74
CA LYS A 169 -11.09 -20.33 11.51
C LYS A 169 -9.91 -19.62 10.84
N TYR A 170 -9.87 -18.29 10.90
CA TYR A 170 -8.80 -17.55 10.22
C TYR A 170 -8.24 -16.44 11.05
N VAL A 171 -7.09 -15.91 10.59
CA VAL A 171 -6.35 -14.88 11.29
C VAL A 171 -5.88 -13.82 10.30
N THR A 172 -5.85 -12.57 10.73
CA THR A 172 -5.52 -11.46 9.82
C THR A 172 -4.20 -10.79 10.22
N THR A 173 -3.54 -10.13 9.26
CA THR A 173 -2.33 -9.36 9.56
C THR A 173 -2.41 -7.91 9.05
N VAL A 174 -1.78 -7.01 9.79
CA VAL A 174 -1.58 -5.64 9.34
C VAL A 174 -0.18 -5.22 9.75
N GLY A 175 0.40 -4.28 9.02
CA GLY A 175 1.71 -3.81 9.39
C GLY A 175 1.75 -3.03 10.70
N SER A 176 0.75 -2.19 10.95
CA SER A 176 0.96 -1.16 11.96
C SER A 176 -0.20 -0.91 12.90
N LEU A 177 -1.40 -1.34 12.50
CA LEU A 177 -2.63 -1.08 13.28
C LEU A 177 -2.98 0.40 13.21
N THR A 178 -2.22 1.12 12.42
CA THR A 178 -2.46 2.52 12.17
C THR A 178 -2.02 2.82 10.73
N SER A 179 -1.81 1.73 9.96
CA SER A 179 -1.81 1.72 8.50
C SER A 179 -3.22 1.75 7.98
N LYS A 180 -3.74 2.90 7.54
CA LYS A 180 -5.16 2.96 7.21
C LYS A 180 -5.61 1.94 6.17
N SER A 181 -4.93 1.93 5.03
CA SER A 181 -5.33 1.09 3.92
C SER A 181 -5.45 -0.35 4.35
N GLN A 182 -4.46 -0.82 5.10
CA GLN A 182 -4.43 -2.23 5.45
C GLN A 182 -5.55 -2.53 6.44
N MSE A 183 -5.87 -1.55 7.27
CA MSE A 183 -6.98 -1.69 8.22
C MSE A 183 -8.27 -1.75 7.43
O MSE A 183 -9.16 -2.52 7.74
CB MSE A 183 -7.02 -0.54 9.20
CG MSE A 183 -5.82 -0.52 10.14
SE MSE A 183 -5.86 -1.97 11.44
CE MSE A 183 -7.04 -1.19 12.78
N GLU A 184 -8.33 -0.93 6.39
CA GLU A 184 -9.50 -0.87 5.54
C GLU A 184 -9.68 -2.18 4.84
N TRP A 185 -8.58 -2.78 4.38
CA TRP A 185 -8.69 -4.06 3.70
C TRP A 185 -9.20 -5.11 4.63
N ILE A 186 -8.67 -5.14 5.84
CA ILE A 186 -9.04 -6.16 6.82
C ILE A 186 -10.45 -5.91 7.34
N ASP A 187 -10.78 -4.64 7.50
CA ASP A 187 -12.15 -4.28 7.82
C ASP A 187 -13.08 -4.76 6.71
N GLY A 188 -12.67 -4.56 5.48
CA GLY A 188 -13.53 -4.88 4.35
C GLY A 188 -13.58 -6.36 4.11
N ALA A 189 -12.55 -7.05 4.58
CA ALA A 189 -12.49 -8.48 4.44
C ALA A 189 -13.36 -9.15 5.49
N VAL A 190 -13.24 -8.69 6.74
CA VAL A 190 -14.07 -9.25 7.80
C VAL A 190 -15.56 -9.04 7.47
N GLU A 191 -15.94 -7.80 7.23
CA GLU A 191 -17.29 -7.42 6.81
C GLU A 191 -17.91 -8.29 5.72
N TYR A 192 -17.09 -8.74 4.78
CA TYR A 192 -17.56 -9.67 3.77
C TYR A 192 -17.91 -11.00 4.44
N GLN A 193 -16.95 -11.53 5.19
CA GLN A 193 -17.06 -12.86 5.75
C GLN A 193 -18.28 -13.00 6.65
N LYS A 194 -18.56 -11.98 7.44
CA LYS A 194 -19.67 -12.03 8.36
C LYS A 194 -21.00 -12.06 7.58
N ALA A 195 -20.96 -11.52 6.38
CA ALA A 195 -22.16 -11.43 5.57
C ALA A 195 -22.23 -12.56 4.57
N ASN A 196 -21.10 -13.22 4.32
CA ASN A 196 -21.00 -14.23 3.27
C ASN A 196 -20.55 -15.59 3.75
N PHE A 197 -19.86 -15.63 4.87
CA PHE A 197 -19.40 -16.89 5.43
C PHE A 197 -19.54 -16.92 6.91
N PRO A 198 -20.78 -16.81 7.38
CA PRO A 198 -21.03 -16.63 8.80
C PRO A 198 -20.50 -17.78 9.65
N GLU A 199 -20.08 -18.89 9.04
CA GLU A 199 -19.55 -19.99 9.85
C GLU A 199 -18.06 -19.89 10.04
N MSE A 200 -17.49 -18.78 9.62
CA MSE A 200 -16.06 -18.53 9.82
C MSE A 200 -15.95 -17.44 10.85
O MSE A 200 -16.90 -16.69 11.08
CB MSE A 200 -15.37 -18.11 8.52
CG MSE A 200 -15.05 -19.24 7.54
SE MSE A 200 -14.31 -18.53 5.83
CE MSE A 200 -13.64 -16.87 6.57
N SER A 201 -14.79 -17.33 11.49
CA SER A 201 -14.57 -16.22 12.40
C SER A 201 -13.10 -15.97 12.62
N GLU A 202 -12.78 -14.73 12.98
CA GLU A 202 -11.43 -14.39 13.40
C GLU A 202 -11.03 -15.22 14.63
N ALA A 203 -10.03 -16.06 14.47
CA ALA A 203 -9.54 -16.85 15.59
C ALA A 203 -9.01 -15.95 16.69
N THR A 204 -8.33 -14.87 16.31
CA THR A 204 -7.75 -13.96 17.28
C THR A 204 -7.75 -12.53 16.71
N GLY A 205 -7.25 -11.58 17.49
CA GLY A 205 -7.14 -10.21 17.00
C GLY A 205 -6.09 -10.07 15.92
N ARG A 206 -6.04 -8.90 15.28
CA ARG A 206 -5.10 -8.63 14.19
C ARG A 206 -3.67 -8.70 14.63
N LEU A 207 -2.80 -9.25 13.79
CA LEU A 207 -1.38 -9.31 14.09
C LEU A 207 -0.64 -8.14 13.48
N GLU A 208 -0.02 -7.33 14.31
CA GLU A 208 0.94 -6.34 13.82
C GLU A 208 2.22 -7.06 13.45
N THR A 209 2.58 -7.08 12.16
CA THR A 209 3.79 -7.80 11.76
C THR A 209 4.89 -6.82 11.30
N TYR A 210 4.53 -5.55 11.19
CA TYR A 210 5.50 -4.48 10.94
C TYR A 210 6.26 -4.64 9.62
N ASP A 211 5.55 -5.10 8.57
CA ASP A 211 6.10 -5.19 7.22
C ASP A 211 7.44 -5.94 7.17
N ASP A 212 7.64 -6.88 8.10
CA ASP A 212 8.83 -7.74 8.15
C ASP A 212 8.39 -9.19 8.04
N ALA A 213 8.91 -9.91 7.05
CA ALA A 213 8.51 -11.29 6.85
C ALA A 213 8.91 -12.23 8.00
N ASN A 214 10.14 -12.06 8.53
CA ASN A 214 10.59 -12.93 9.63
C ASN A 214 9.68 -12.75 10.84
N THR A 215 9.17 -11.53 11.02
CA THR A 215 8.23 -11.23 12.11
C THR A 215 6.82 -11.79 11.85
N ASP A 216 6.39 -11.79 10.59
CA ASP A 216 5.10 -12.36 10.22
C ASP A 216 5.16 -13.87 10.46
N TYR A 217 6.32 -14.46 10.18
CA TYR A 217 6.61 -15.85 10.52
C TYR A 217 6.34 -16.17 11.99
N ASN A 218 7.08 -15.52 12.86
CA ASN A 218 7.00 -15.76 14.29
C ASN A 218 5.58 -15.58 14.82
N LYS A 219 4.93 -14.51 14.40
CA LYS A 219 3.63 -14.14 14.93
C LYS A 219 2.54 -15.08 14.45
N LEU A 220 2.70 -15.59 13.23
CA LEU A 220 1.77 -16.58 12.70
C LEU A 220 1.94 -17.92 13.40
N LYS A 221 3.19 -18.37 13.47
CA LYS A 221 3.54 -19.63 14.12
C LYS A 221 3.06 -19.63 15.56
N GLU A 222 3.19 -18.47 16.21
CA GLU A 222 2.75 -18.31 17.59
C GLU A 222 1.24 -18.51 17.68
N ALA A 223 0.49 -17.87 16.80
CA ALA A 223 -0.96 -17.99 16.83
C ALA A 223 -1.42 -19.37 16.36
N MSE A 224 -0.53 -20.11 15.68
CA MSE A 224 -0.79 -21.48 15.27
C MSE A 224 -0.88 -22.39 16.48
O MSE A 224 -1.78 -23.20 16.62
CB MSE A 224 0.31 -21.98 14.36
CG MSE A 224 0.17 -21.51 12.95
SE MSE A 224 -1.41 -22.34 12.23
CE MSE A 224 -1.46 -21.38 10.54
N THR A 225 0.10 -22.25 17.34
CA THR A 225 0.09 -23.02 18.56
C THR A 225 -0.50 -22.15 19.66
N ALA A 226 -1.79 -21.89 19.53
CA ALA A 226 -2.56 -21.11 20.48
C ALA A 226 -3.99 -21.27 20.04
N TYR A 227 -4.12 -21.40 18.72
CA TYR A 227 -5.37 -21.65 18.06
C TYR A 227 -5.08 -22.57 16.90
N PRO A 228 -4.78 -23.84 17.16
CA PRO A 228 -4.31 -24.68 16.05
C PRO A 228 -5.31 -24.99 14.91
N ASP A 229 -6.13 -24.03 14.46
CA ASP A 229 -7.30 -24.41 13.68
C ASP A 229 -8.31 -23.37 13.14
N ILE A 230 -7.98 -22.12 12.80
CA ILE A 230 -6.88 -21.61 11.98
C ILE A 230 -6.50 -22.57 10.89
N THR A 231 -7.10 -22.29 9.74
CA THR A 231 -6.82 -22.94 8.48
C THR A 231 -6.91 -21.87 7.39
N GLY A 232 -6.67 -20.63 7.78
CA GLY A 232 -6.78 -19.50 6.87
C GLY A 232 -5.98 -18.31 7.36
N ILE A 233 -5.24 -17.69 6.45
CA ILE A 233 -4.49 -16.48 6.75
C ILE A 233 -4.80 -15.34 5.77
N LEU A 234 -5.09 -14.15 6.31
CA LEU A 234 -5.48 -13.00 5.50
C LEU A 234 -4.43 -11.92 5.66
N GLY A 235 -3.62 -11.71 4.63
CA GLY A 235 -2.48 -10.83 4.77
C GLY A 235 -2.61 -9.49 4.09
N ALA A 236 -2.52 -8.43 4.88
CA ALA A 236 -2.56 -7.11 4.30
C ALA A 236 -1.17 -6.61 3.85
N PRO A 237 -0.16 -6.64 4.74
CA PRO A 237 1.12 -6.12 4.25
C PRO A 237 1.92 -7.14 3.45
N MSE A 238 2.49 -6.72 2.33
CA MSE A 238 3.13 -7.63 1.38
C MSE A 238 3.98 -8.75 1.97
O MSE A 238 3.82 -9.90 1.56
CB MSE A 238 4.02 -6.84 0.43
CG MSE A 238 5.01 -7.73 -0.30
SE MSE A 238 6.47 -6.83 -1.15
CE MSE A 238 7.65 -6.67 0.38
N PRO A 239 4.87 -8.45 2.92
CA PRO A 239 5.73 -9.53 3.44
C PRO A 239 5.01 -10.75 4.01
N THR A 240 3.80 -10.57 4.53
CA THR A 240 3.04 -11.66 5.11
C THR A 240 2.91 -12.78 4.13
N SER A 241 2.73 -12.43 2.86
CA SER A 241 2.71 -13.41 1.79
C SER A 241 3.96 -14.29 1.85
N ALA A 242 5.13 -13.66 1.94
CA ALA A 242 6.37 -14.42 2.09
C ALA A 242 6.36 -15.16 3.42
N GLY A 243 6.03 -14.43 4.48
CA GLY A 243 6.08 -14.96 5.83
C GLY A 243 5.18 -16.15 6.05
N ALA A 244 3.98 -16.10 5.48
CA ALA A 244 3.02 -17.19 5.62
C ALA A 244 3.37 -18.33 4.67
N GLY A 245 3.86 -17.96 3.48
CA GLY A 245 4.32 -18.96 2.55
C GLY A 245 5.33 -19.82 3.24
N ARG A 246 6.35 -19.18 3.82
CA ARG A 246 7.42 -19.88 4.51
C ARG A 246 6.91 -20.82 5.59
N LEU A 247 5.96 -20.35 6.39
CA LEU A 247 5.37 -21.16 7.44
C LEU A 247 4.60 -22.36 6.88
N ILE A 248 3.93 -22.19 5.75
CA ILE A 248 3.18 -23.29 5.13
C ILE A 248 4.12 -24.33 4.55
N ALA A 249 5.21 -23.87 3.94
CA ALA A 249 6.25 -24.77 3.44
C ALA A 249 6.86 -25.57 4.59
N GLU A 250 7.39 -24.86 5.58
CA GLU A 250 7.96 -25.50 6.76
C GLU A 250 6.87 -26.06 7.67
N GLY A 251 6.68 -27.37 7.64
CA GLY A 251 5.72 -28.02 8.53
C GLY A 251 4.36 -28.10 7.88
N GLY A 252 3.85 -29.31 7.70
CA GLY A 252 2.72 -29.54 6.83
C GLY A 252 3.05 -28.84 5.54
N LEU A 253 2.19 -27.92 5.10
CA LEU A 253 0.86 -27.71 5.65
C LEU A 253 -0.01 -27.36 4.46
N LYS A 254 0.62 -27.51 3.29
CA LYS A 254 -0.02 -27.32 1.99
C LYS A 254 -1.38 -27.99 2.03
N GLY A 255 -2.39 -27.25 1.63
CA GLY A 255 -3.72 -27.83 1.56
C GLY A 255 -4.48 -27.85 2.87
N LYS A 256 -3.77 -27.75 3.99
CA LYS A 256 -4.49 -27.66 5.25
C LYS A 256 -4.66 -26.19 5.67
N VAL A 257 -3.66 -25.36 5.41
CA VAL A 257 -3.78 -23.95 5.74
C VAL A 257 -3.62 -23.09 4.50
N PHE A 258 -4.60 -22.23 4.26
CA PHE A 258 -4.70 -21.46 3.04
C PHE A 258 -4.32 -19.99 3.26
N PHE A 259 -3.81 -19.33 2.21
CA PHE A 259 -3.42 -17.92 2.31
C PHE A 259 -4.03 -17.07 1.22
N ALA A 260 -4.53 -15.90 1.61
CA ALA A 260 -4.87 -14.84 0.66
C ALA A 260 -4.40 -13.52 1.23
N GLY A 261 -3.82 -12.70 0.37
CA GLY A 261 -3.37 -11.40 0.80
C GLY A 261 -2.62 -10.64 -0.24
N THR A 262 -2.11 -9.48 0.14
CA THR A 262 -1.18 -8.78 -0.72
C THR A 262 0.09 -9.58 -0.82
N GLY A 263 0.71 -9.56 -1.98
CA GLY A 263 2.08 -9.99 -2.15
C GLY A 263 2.64 -9.49 -3.47
N LEU A 264 3.92 -9.74 -3.71
CA LEU A 264 4.47 -9.62 -5.05
C LEU A 264 4.96 -10.98 -5.52
N VAL A 265 5.03 -11.20 -6.83
CA VAL A 265 5.54 -12.48 -7.32
C VAL A 265 7.03 -12.57 -6.97
N SER A 266 7.69 -11.41 -6.93
CA SER A 266 9.07 -11.32 -6.52
C SER A 266 9.28 -12.11 -5.23
N VAL A 267 8.48 -11.82 -4.21
CA VAL A 267 8.70 -12.38 -2.90
C VAL A 267 7.87 -13.63 -2.62
N ALA A 268 7.07 -14.07 -3.58
CA ALA A 268 6.08 -15.09 -3.27
C ALA A 268 5.71 -16.01 -4.42
N GLY A 269 6.28 -15.73 -5.60
CA GLY A 269 5.99 -16.51 -6.78
C GLY A 269 6.25 -17.98 -6.58
N GLU A 270 7.37 -18.30 -5.93
CA GLU A 270 7.74 -19.70 -5.78
C GLU A 270 6.76 -20.41 -4.86
N TYR A 271 6.28 -19.70 -3.86
CA TYR A 271 5.29 -20.25 -2.94
C TYR A 271 3.94 -20.45 -3.64
N ILE A 272 3.72 -19.73 -4.73
CA ILE A 272 2.49 -19.95 -5.50
C ILE A 272 2.63 -21.17 -6.39
N LYS A 273 3.74 -21.26 -7.12
CA LYS A 273 3.89 -22.36 -8.06
C LYS A 273 3.99 -23.69 -7.31
N ASN A 274 4.43 -23.62 -6.06
CA ASN A 274 4.58 -24.81 -5.24
C ASN A 274 3.30 -25.22 -4.51
N ASP A 275 2.21 -24.50 -4.78
CA ASP A 275 0.91 -24.75 -4.17
C ASP A 275 0.86 -24.30 -2.71
N ASP A 276 1.80 -23.45 -2.29
CA ASP A 276 1.90 -23.14 -0.87
C ASP A 276 0.94 -22.02 -0.48
N VAL A 277 0.95 -20.92 -1.21
CA VAL A 277 -0.08 -19.88 -1.05
C VAL A 277 -0.93 -19.81 -2.30
N GLN A 278 -2.21 -19.54 -2.11
CA GLN A 278 -3.20 -19.78 -3.15
C GLN A 278 -3.58 -18.56 -3.99
N TYR A 279 -3.62 -17.39 -3.36
CA TYR A 279 -4.00 -16.17 -4.08
C TYR A 279 -3.33 -14.95 -3.49
N ILE A 280 -2.80 -14.10 -4.35
CA ILE A 280 -2.24 -12.84 -3.87
C ILE A 280 -2.70 -11.69 -4.76
N GLN A 281 -2.93 -10.52 -4.19
CA GLN A 281 -3.19 -9.39 -5.07
C GLN A 281 -2.31 -8.16 -4.76
N PHE A 282 -2.37 -7.17 -5.64
CA PHE A 282 -1.54 -5.97 -5.55
C PHE A 282 -1.84 -4.92 -6.63
N TRP A 283 -1.06 -3.84 -6.59
CA TRP A 283 -1.06 -2.80 -7.60
C TRP A 283 0.40 -2.48 -7.96
N ASP A 284 0.65 -1.62 -8.93
CA ASP A 284 2.02 -1.35 -9.33
C ASP A 284 2.51 -0.08 -8.65
N PRO A 285 3.32 -0.25 -7.60
CA PRO A 285 3.81 0.90 -6.83
C PRO A 285 4.71 1.78 -7.66
N ALA A 286 5.21 1.26 -8.78
CA ALA A 286 5.96 2.07 -9.75
C ALA A 286 5.04 3.14 -10.33
N VAL A 287 3.84 2.74 -10.73
CA VAL A 287 2.89 3.70 -11.27
C VAL A 287 2.41 4.64 -10.18
N ALA A 288 2.15 4.08 -9.01
CA ALA A 288 1.69 4.86 -7.86
C ALA A 288 2.70 5.93 -7.48
N GLY A 289 3.97 5.58 -7.62
CA GLY A 289 5.06 6.50 -7.36
C GLY A 289 5.05 7.63 -8.35
N TYR A 290 4.86 7.29 -9.62
CA TYR A 290 4.76 8.29 -10.67
C TYR A 290 3.64 9.26 -10.35
N ALA A 291 2.43 8.72 -10.19
CA ALA A 291 1.24 9.52 -9.95
C ALA A 291 1.41 10.53 -8.81
N MSE A 292 2.00 10.06 -7.73
CA MSE A 292 2.25 10.91 -6.60
C MSE A 292 3.04 12.15 -7.01
O MSE A 292 2.64 13.28 -6.77
CB MSE A 292 2.99 10.13 -5.53
CG MSE A 292 2.08 9.53 -4.51
SE MSE A 292 3.11 8.68 -3.11
CE MSE A 292 3.68 7.12 -4.03
N ASN A 293 4.16 11.93 -7.69
CA ASN A 293 5.01 13.04 -8.05
C ASN A 293 4.29 13.96 -9.06
N MSE A 294 3.60 13.38 -10.05
CA MSE A 294 2.73 14.18 -10.93
C MSE A 294 1.84 15.14 -10.13
O MSE A 294 1.88 16.36 -10.34
CB MSE A 294 1.86 13.28 -11.80
CG MSE A 294 2.63 12.60 -12.91
SE MSE A 294 1.50 11.71 -14.24
CE MSE A 294 0.50 13.25 -14.83
N LEU A 295 1.04 14.61 -9.22
CA LEU A 295 0.19 15.45 -8.39
C LEU A 295 1.00 16.50 -7.63
N ALA A 296 2.21 16.14 -7.21
CA ALA A 296 3.01 17.06 -6.45
C ALA A 296 3.36 18.31 -7.26
N VAL A 297 3.77 18.11 -8.51
CA VAL A 297 4.16 19.23 -9.35
C VAL A 297 2.93 19.98 -9.82
N ALA A 298 1.84 19.26 -10.10
CA ALA A 298 0.59 19.90 -10.47
C ALA A 298 0.26 20.92 -9.41
N ALA A 299 0.29 20.47 -8.16
CA ALA A 299 0.04 21.33 -7.02
C ALA A 299 1.06 22.45 -6.98
N LEU A 300 2.30 22.09 -7.23
CA LEU A 300 3.40 23.04 -7.10
C LEU A 300 3.41 24.03 -8.24
N GLU A 301 2.83 23.63 -9.36
CA GLU A 301 2.63 24.52 -10.48
C GLU A 301 1.29 25.25 -10.28
N LYS A 302 0.71 25.04 -9.11
CA LYS A 302 -0.50 25.75 -8.66
C LYS A 302 -1.76 25.48 -9.52
N LYS A 303 -1.84 24.32 -10.18
CA LYS A 303 -3.06 23.86 -10.87
C LYS A 303 -4.05 23.14 -9.93
N ASN A 304 -4.22 23.64 -8.71
CA ASN A 304 -5.09 22.99 -7.72
C ASN A 304 -6.52 22.80 -8.20
N ASP A 305 -6.97 23.70 -9.07
CA ASP A 305 -8.32 23.67 -9.63
C ASP A 305 -8.46 22.72 -10.82
N GLN A 306 -7.62 21.69 -10.86
CA GLN A 306 -7.64 20.75 -11.96
C GLN A 306 -7.51 19.36 -11.36
N ILE A 307 -6.91 19.33 -10.18
CA ILE A 307 -6.84 18.12 -9.36
C ILE A 307 -8.19 17.86 -8.74
N LYS A 308 -9.07 17.25 -9.51
CA LYS A 308 -10.42 16.94 -9.04
C LYS A 308 -10.93 15.68 -9.71
N ALA A 309 -12.13 15.25 -9.33
CA ALA A 309 -12.73 14.05 -9.89
C ALA A 309 -12.71 14.07 -11.41
N GLY A 310 -12.58 12.90 -12.04
CA GLY A 310 -12.65 12.82 -13.49
C GLY A 310 -11.35 13.14 -14.18
N LEU A 311 -10.43 13.77 -13.44
CA LEU A 311 -9.08 14.05 -13.89
C LEU A 311 -8.39 12.80 -14.42
N ASN A 312 -7.71 12.96 -15.54
CA ASN A 312 -6.99 11.85 -16.16
C ASN A 312 -5.51 12.06 -16.04
N LEU A 313 -4.83 11.14 -15.38
CA LEU A 313 -3.38 11.22 -15.29
C LEU A 313 -2.73 10.63 -16.55
N GLY A 314 -3.39 9.66 -17.17
CA GLY A 314 -2.82 9.05 -18.34
C GLY A 314 -1.86 7.96 -17.92
N LEU A 315 -1.99 7.54 -16.67
CA LEU A 315 -1.23 6.39 -16.19
C LEU A 315 -2.14 5.20 -16.04
N PRO A 316 -1.65 3.99 -16.32
CA PRO A 316 -2.49 2.80 -16.14
C PRO A 316 -3.09 2.76 -14.74
N GLY A 317 -4.41 2.91 -14.64
CA GLY A 317 -5.07 2.79 -13.34
C GLY A 317 -5.45 4.12 -12.74
N TYR A 318 -5.12 5.18 -13.46
CA TYR A 318 -5.36 6.54 -12.99
C TYR A 318 -5.95 7.41 -14.10
N GLU A 319 -6.65 6.75 -15.02
CA GLU A 319 -7.23 7.40 -16.18
C GLU A 319 -8.44 8.26 -15.82
N SER A 320 -9.19 7.85 -14.82
CA SER A 320 -10.22 8.73 -14.31
C SER A 320 -10.20 8.65 -12.81
N LEU A 321 -10.11 9.80 -12.18
CA LEU A 321 -10.03 9.83 -10.74
C LEU A 321 -11.40 10.08 -10.11
N LEU A 322 -11.56 9.56 -8.90
CA LEU A 322 -12.81 9.64 -8.16
C LEU A 322 -12.67 10.38 -6.85
N ALA A 323 -13.65 11.19 -6.48
CA ALA A 323 -13.66 11.80 -5.15
C ALA A 323 -14.97 11.52 -4.46
N PRO A 324 -15.17 10.27 -4.02
CA PRO A 324 -16.43 9.71 -3.53
C PRO A 324 -16.93 10.40 -2.27
N ASP A 325 -16.02 10.85 -1.41
CA ASP A 325 -16.41 11.59 -0.25
C ASP A 325 -16.59 13.07 -0.58
N ALA A 326 -17.76 13.60 -0.22
CA ALA A 326 -18.05 15.01 -0.39
C ALA A 326 -17.27 15.85 0.62
N ALA A 327 -16.92 15.22 1.74
CA ALA A 327 -16.33 15.90 2.88
C ALA A 327 -14.82 16.06 2.71
N LYS A 328 -14.22 15.09 2.03
CA LYS A 328 -12.82 15.14 1.64
C LYS A 328 -12.75 15.10 0.11
N PRO A 329 -13.01 16.24 -0.54
CA PRO A 329 -13.05 16.28 -2.00
C PRO A 329 -11.65 16.14 -2.59
N ASN A 330 -10.63 16.27 -1.75
CA ASN A 330 -9.27 16.06 -2.22
C ASN A 330 -8.74 14.67 -1.82
N LEU A 331 -9.67 13.74 -1.60
CA LEU A 331 -9.35 12.32 -1.52
C LEU A 331 -9.65 11.68 -2.85
N LEU A 332 -8.59 11.29 -3.57
CA LEU A 332 -8.71 10.79 -4.93
C LEU A 332 -8.43 9.28 -5.09
N TYR A 333 -9.25 8.63 -5.90
CA TYR A 333 -9.07 7.25 -6.36
C TYR A 333 -9.07 7.34 -7.87
N GLY A 334 -8.25 6.62 -8.62
CA GLY A 334 -7.61 5.42 -8.22
C GLY A 334 -8.59 4.35 -8.60
N ALA A 335 -8.31 3.55 -9.61
CA ALA A 335 -9.19 2.40 -9.87
C ALA A 335 -8.44 1.17 -10.34
N GLY A 336 -8.79 0.03 -9.76
CA GLY A 336 -8.30 -1.26 -10.20
C GLY A 336 -7.04 -1.82 -9.56
N TRP A 337 -7.01 -3.15 -9.41
CA TRP A 337 -5.86 -3.90 -8.93
C TRP A 337 -5.65 -5.18 -9.72
N VAL A 338 -4.80 -6.05 -9.19
CA VAL A 338 -4.33 -7.22 -9.93
C VAL A 338 -4.38 -8.49 -9.10
N GLY A 339 -4.91 -9.59 -9.66
CA GLY A 339 -4.98 -10.85 -8.93
C GLY A 339 -4.10 -11.90 -9.58
N VAL A 340 -3.49 -12.79 -8.80
CA VAL A 340 -2.47 -13.69 -9.36
C VAL A 340 -2.55 -15.18 -9.00
N THR A 341 -2.41 -16.00 -10.03
CA THR A 341 -1.93 -17.39 -9.98
C THR A 341 -1.33 -17.64 -11.37
N LYS A 342 -1.33 -16.59 -12.20
CA LYS A 342 -0.70 -16.57 -13.51
C LYS A 342 0.39 -15.50 -13.51
N GLU A 343 1.60 -15.94 -13.21
CA GLU A 343 2.72 -15.08 -12.86
C GLU A 343 3.44 -14.60 -14.09
N ASN A 344 2.91 -13.50 -14.61
CA ASN A 344 3.41 -12.84 -15.79
C ASN A 344 4.29 -11.65 -15.34
N MSE A 345 4.45 -11.49 -14.03
CA MSE A 345 4.81 -10.19 -13.48
C MSE A 345 6.25 -10.08 -12.94
O MSE A 345 6.99 -11.06 -12.88
CB MSE A 345 3.81 -9.85 -12.37
CG MSE A 345 2.32 -10.17 -12.63
SE MSE A 345 1.45 -9.21 -14.12
CE MSE A 345 -0.45 -9.59 -13.81
N ASP A 346 6.63 -8.85 -12.57
CA ASP A 346 7.95 -8.55 -12.00
C ASP A 346 7.95 -7.23 -11.19
#